data_2PBE
#
_entry.id   2PBE
#
_cell.length_a   106.562
_cell.length_b   106.560
_cell.length_c   75.601
_cell.angle_alpha   90.00
_cell.angle_beta   90.00
_cell.angle_gamma   90.00
#
_symmetry.space_group_name_H-M   'P 42 21 2'
#
loop_
_entity.id
_entity.type
_entity.pdbx_description
1 polymer 'Aminoglycoside 6-adenylyltransferase'
2 water water
#
_entity_poly.entity_id   1
_entity_poly.type   'polypeptide(L)'
_entity_poly.pdbx_seq_one_letter_code
;(MSE)SLRSEQE(MSE)(MSE)DIFLDFALNDERIRLVTLEGSRTNRNIPPDNFQDYDISYFVTDVESFKENDQWLEIFG
KRI(MSE)(MSE)QKPED(MSE)ELFPPELGNWFSYIILFEDGNKLDLTLIPIREAEDYFANNDGLVKVLLDKDSFINYK
VTPNDRQYWIKRPTAREFDDCCNEFW(MSE)VSTYVVKGLARNEILFAIDHLNEIVRPNLLR(MSE)(MSE)AWHIASQK
GYSFS(MSE)GKNYKF(MSE)KRYLSNKEWEEL(MSE)STYSVNGYQE(MSE)WKSLFTCYALFRKYSKAVSEGLAYKYP
DYDEGITKYTEGIYCSVKEGHHHHHH
;
_entity_poly.pdbx_strand_id   A
#
# COMPACT_ATOMS: atom_id res chain seq x y z
N LEU A 3 10.23 4.12 22.23
CA LEU A 3 11.05 4.23 20.98
C LEU A 3 10.19 4.49 19.72
N ARG A 4 9.37 3.49 19.39
CA ARG A 4 8.48 3.52 18.23
C ARG A 4 9.08 4.07 16.94
N SER A 5 9.49 3.15 16.07
CA SER A 5 10.08 3.50 14.78
C SER A 5 9.08 4.21 13.87
N GLU A 6 9.60 4.82 12.80
CA GLU A 6 8.77 5.51 11.84
C GLU A 6 7.84 4.51 11.18
N GLN A 7 8.22 3.24 11.25
CA GLN A 7 7.42 2.18 10.69
C GLN A 7 6.22 1.94 11.62
N GLU A 8 6.51 1.68 12.89
CA GLU A 8 5.47 1.42 13.88
C GLU A 8 4.46 2.55 14.00
N ASP A 11 2.16 2.67 10.98
CA ASP A 11 1.23 1.55 11.05
C ASP A 11 0.03 1.97 11.88
N ILE A 12 0.28 2.48 13.06
CA ILE A 12 -0.80 2.90 13.95
C ILE A 12 -1.77 3.87 13.28
N PHE A 13 -1.25 4.92 12.66
CA PHE A 13 -2.12 5.89 12.02
C PHE A 13 -2.91 5.32 10.85
N LEU A 14 -2.23 4.52 10.03
CA LEU A 14 -2.87 3.92 8.88
C LEU A 14 -3.91 2.90 9.34
N ASP A 15 -3.52 2.10 10.33
CA ASP A 15 -4.40 1.08 10.88
C ASP A 15 -5.65 1.70 11.50
N PHE A 16 -5.45 2.82 12.17
CA PHE A 16 -6.57 3.50 12.79
C PHE A 16 -7.59 3.89 11.75
N ALA A 17 -7.14 4.62 10.74
CA ALA A 17 -7.98 5.09 9.66
C ALA A 17 -8.75 3.96 8.99
N LEU A 18 -8.03 2.88 8.68
CA LEU A 18 -8.62 1.72 8.03
C LEU A 18 -9.87 1.19 8.72
N ASN A 19 -9.82 1.13 10.05
CA ASN A 19 -10.94 0.60 10.81
C ASN A 19 -12.01 1.59 11.17
N ASP A 20 -11.70 2.87 11.06
CA ASP A 20 -12.70 3.87 11.41
C ASP A 20 -13.54 4.32 10.22
N GLU A 21 -14.85 4.08 10.33
CA GLU A 21 -15.82 4.40 9.29
C GLU A 21 -15.99 5.88 8.99
N ARG A 22 -15.63 6.76 9.93
CA ARG A 22 -15.75 8.20 9.66
C ARG A 22 -14.58 8.66 8.80
N ILE A 23 -13.45 7.97 8.89
CA ILE A 23 -12.28 8.38 8.12
C ILE A 23 -12.34 7.82 6.70
N ARG A 24 -12.42 8.72 5.74
CA ARG A 24 -12.52 8.37 4.33
C ARG A 24 -11.24 8.59 3.54
N LEU A 25 -10.46 9.59 3.93
CA LEU A 25 -9.22 9.92 3.23
C LEU A 25 -8.10 10.23 4.25
N VAL A 26 -6.87 9.87 3.91
CA VAL A 26 -5.72 10.09 4.78
C VAL A 26 -4.57 10.68 3.98
N THR A 27 -3.98 11.74 4.51
CA THR A 27 -2.88 12.42 3.83
C THR A 27 -1.71 12.63 4.75
N LEU A 28 -0.51 12.71 4.19
CA LEU A 28 0.69 12.95 4.97
C LEU A 28 1.46 14.22 4.51
N GLU A 29 2.01 14.93 5.49
CA GLU A 29 2.75 16.17 5.26
C GLU A 29 1.89 17.18 4.53
N PHE A 42 13.18 16.58 10.49
CA PHE A 42 12.56 16.25 11.78
C PHE A 42 11.69 15.00 11.64
N GLN A 43 11.57 14.25 12.73
CA GLN A 43 10.84 13.00 12.68
C GLN A 43 9.34 13.14 12.96
N ASP A 44 8.91 14.36 13.32
CA ASP A 44 7.52 14.69 13.59
C ASP A 44 6.58 14.16 12.51
N TYR A 45 5.39 13.75 12.93
CA TYR A 45 4.40 13.23 12.00
C TYR A 45 3.28 14.21 11.71
N ASP A 46 3.05 14.41 10.41
CA ASP A 46 2.00 15.31 9.93
C ASP A 46 0.95 14.51 9.21
N ILE A 47 -0.14 14.24 9.91
CA ILE A 47 -1.22 13.45 9.37
C ILE A 47 -2.52 14.23 9.27
N SER A 48 -3.32 13.91 8.26
CA SER A 48 -4.62 14.55 8.08
C SER A 48 -5.64 13.48 7.74
N TYR A 49 -6.72 13.45 8.51
CA TYR A 49 -7.81 12.50 8.29
C TYR A 49 -9.02 13.26 7.78
N PHE A 50 -9.50 12.93 6.59
CA PHE A 50 -10.69 13.59 6.04
C PHE A 50 -11.81 12.72 6.54
N VAL A 51 -12.70 13.29 7.33
CA VAL A 51 -13.77 12.54 7.94
C VAL A 51 -15.18 13.00 7.58
N THR A 52 -16.15 12.18 7.93
CA THR A 52 -17.53 12.50 7.65
C THR A 52 -18.08 13.45 8.73
N ASP A 53 -17.92 13.07 10.00
CA ASP A 53 -18.40 13.85 11.14
C ASP A 53 -17.28 14.37 12.03
N VAL A 54 -16.90 15.61 11.80
CA VAL A 54 -15.84 16.20 12.59
C VAL A 54 -16.23 16.29 14.08
N GLU A 55 -17.46 16.75 14.36
CA GLU A 55 -17.95 16.88 15.74
C GLU A 55 -17.92 15.56 16.53
N SER A 56 -18.05 14.45 15.80
CA SER A 56 -18.07 13.12 16.39
C SER A 56 -16.79 12.88 17.18
N PHE A 57 -15.68 13.26 16.56
CA PHE A 57 -14.39 13.09 17.19
C PHE A 57 -14.25 14.03 18.37
N LYS A 58 -14.91 15.19 18.27
CA LYS A 58 -14.86 16.20 19.31
C LYS A 58 -15.65 15.88 20.58
N GLU A 59 -16.46 14.82 20.58
CA GLU A 59 -17.24 14.45 21.77
C GLU A 59 -16.31 14.44 23.01
N ASN A 60 -15.17 13.77 22.88
CA ASN A 60 -14.16 13.73 23.96
C ASN A 60 -12.84 13.21 23.43
N ASP A 61 -11.84 13.06 24.30
CA ASP A 61 -10.52 12.64 23.87
C ASP A 61 -10.08 11.20 24.14
N GLN A 62 -11.03 10.32 24.43
CA GLN A 62 -10.72 8.92 24.72
C GLN A 62 -10.14 8.14 23.53
N TRP A 63 -10.73 8.34 22.36
CA TRP A 63 -10.27 7.63 21.17
C TRP A 63 -8.77 7.87 20.86
N LEU A 64 -8.23 8.94 21.44
CA LEU A 64 -6.83 9.29 21.25
C LEU A 64 -5.86 8.40 22.02
N GLU A 65 -6.37 7.76 23.06
CA GLU A 65 -5.59 6.90 23.93
C GLU A 65 -4.95 5.77 23.15
N ILE A 66 -5.53 5.46 21.99
CA ILE A 66 -5.03 4.39 21.13
C ILE A 66 -3.62 4.64 20.59
N PHE A 67 -3.27 5.91 20.46
CA PHE A 67 -1.96 6.24 19.92
C PHE A 67 -0.85 6.13 20.96
N GLY A 68 -1.24 5.93 22.23
CA GLY A 68 -0.22 5.79 23.26
C GLY A 68 -0.13 6.88 24.32
N LYS A 69 0.62 6.58 25.38
CA LYS A 69 0.79 7.52 26.46
C LYS A 69 1.55 8.74 25.99
N ARG A 70 1.05 9.90 26.37
CA ARG A 70 1.66 11.16 25.97
C ARG A 70 2.12 12.03 27.13
N ILE A 71 3.07 12.90 26.84
CA ILE A 71 3.62 13.84 27.79
C ILE A 71 2.60 14.99 27.92
N GLN A 74 -2.00 19.61 22.76
CA GLN A 74 -2.57 20.92 22.49
C GLN A 74 -3.66 20.81 21.43
N LYS A 75 -4.78 21.47 21.65
CA LYS A 75 -5.89 21.47 20.69
C LYS A 75 -6.05 22.94 20.30
N PRO A 76 -5.34 23.38 19.24
CA PRO A 76 -5.33 24.74 18.71
C PRO A 76 -6.67 25.40 18.38
N GLU A 77 -7.68 24.61 18.04
CA GLU A 77 -8.95 25.19 17.70
C GLU A 77 -9.96 25.06 18.85
N ASP A 78 -9.45 24.71 20.03
CA ASP A 78 -10.32 24.55 21.19
C ASP A 78 -9.70 25.23 22.39
N GLU A 80 -9.30 28.94 24.73
CA GLU A 80 -9.93 30.22 25.04
C GLU A 80 -8.97 31.38 24.80
N LEU A 81 -7.72 31.20 25.23
CA LEU A 81 -6.72 32.24 25.08
C LEU A 81 -6.34 32.55 23.64
N PHE A 82 -6.31 31.53 22.81
CA PHE A 82 -5.96 31.72 21.41
C PHE A 82 -7.20 31.39 20.58
N PRO A 83 -7.75 32.40 19.88
CA PRO A 83 -8.95 32.19 19.07
C PRO A 83 -8.73 31.12 18.02
N PRO A 84 -9.77 30.36 17.69
CA PRO A 84 -9.59 29.31 16.68
C PRO A 84 -9.70 30.01 15.32
N GLU A 85 -8.81 29.64 14.41
CA GLU A 85 -8.86 30.21 13.06
C GLU A 85 -8.21 29.29 12.05
N LEU A 86 -8.76 28.08 11.99
CA LEU A 86 -8.29 27.06 11.07
C LEU A 86 -9.55 26.52 10.35
N GLY A 87 -10.43 27.44 9.98
CA GLY A 87 -11.65 27.08 9.29
C GLY A 87 -12.50 26.07 10.04
N ASN A 88 -12.85 24.98 9.37
CA ASN A 88 -13.67 23.92 9.95
C ASN A 88 -12.82 22.75 10.39
N TRP A 89 -11.51 22.99 10.46
CA TRP A 89 -10.61 21.96 10.87
C TRP A 89 -10.59 21.91 12.37
N PHE A 90 -9.92 20.88 12.86
CA PHE A 90 -9.72 20.67 14.27
C PHE A 90 -8.50 19.78 14.30
N SER A 91 -7.48 20.20 15.02
CA SER A 91 -6.27 19.42 15.07
C SER A 91 -5.81 19.14 16.49
N TYR A 92 -4.78 18.34 16.60
CA TYR A 92 -4.20 17.96 17.88
C TYR A 92 -2.71 17.96 17.71
N ILE A 93 -1.98 18.45 18.71
CA ILE A 93 -0.53 18.40 18.61
C ILE A 93 -0.19 17.57 19.84
N ILE A 94 0.39 16.40 19.61
CA ILE A 94 0.73 15.49 20.70
C ILE A 94 2.23 15.26 20.82
N LEU A 95 2.69 15.24 22.06
CA LEU A 95 4.08 14.95 22.33
C LEU A 95 4.03 13.61 23.06
N PHE A 96 4.41 12.55 22.37
CA PHE A 96 4.37 11.21 22.97
C PHE A 96 5.47 10.90 23.98
N GLU A 97 5.15 10.00 24.90
CA GLU A 97 6.11 9.62 25.91
C GLU A 97 7.37 8.99 25.31
N ASP A 98 7.18 8.19 24.26
CA ASP A 98 8.29 7.51 23.61
C ASP A 98 9.17 8.52 22.88
N GLY A 99 8.71 9.77 22.83
CA GLY A 99 9.48 10.82 22.18
C GLY A 99 8.91 11.32 20.87
N ASN A 100 7.99 10.57 20.26
CA ASN A 100 7.44 11.03 19.00
C ASN A 100 6.45 12.18 19.11
N LYS A 101 6.40 12.99 18.06
CA LYS A 101 5.51 14.13 18.01
C LYS A 101 4.60 13.97 16.81
N LEU A 102 3.31 14.19 17.03
CA LEU A 102 2.36 14.07 15.94
C LEU A 102 1.58 15.36 15.83
N ASP A 103 1.15 15.65 14.61
CA ASP A 103 0.33 16.80 14.30
C ASP A 103 -0.80 16.21 13.44
N LEU A 104 -1.97 16.03 14.05
CA LEU A 104 -3.12 15.44 13.35
C LEU A 104 -4.22 16.45 13.08
N THR A 105 -4.64 16.56 11.82
CA THR A 105 -5.70 17.48 11.49
C THR A 105 -6.92 16.71 11.01
N LEU A 106 -8.10 17.14 11.44
CA LEU A 106 -9.35 16.51 11.04
C LEU A 106 -10.09 17.48 10.11
N ILE A 107 -10.01 17.20 8.82
CA ILE A 107 -10.64 18.03 7.81
C ILE A 107 -11.96 17.41 7.34
N PRO A 108 -13.01 18.22 7.17
CA PRO A 108 -14.28 17.65 6.71
C PRO A 108 -14.08 17.05 5.31
N ILE A 109 -14.59 15.83 5.10
CA ILE A 109 -14.43 15.15 3.83
C ILE A 109 -14.93 15.97 2.64
N ARG A 110 -15.98 16.73 2.88
CA ARG A 110 -16.56 17.56 1.84
C ARG A 110 -15.57 18.58 1.27
N GLU A 111 -14.49 18.85 2.01
CA GLU A 111 -13.50 19.86 1.59
C GLU A 111 -12.22 19.32 0.97
N ALA A 112 -12.25 18.04 0.58
CA ALA A 112 -11.09 17.39 0.00
C ALA A 112 -10.75 17.99 -1.35
N GLU A 113 -11.75 18.11 -2.21
CA GLU A 113 -11.62 18.69 -3.53
C GLU A 113 -10.92 20.05 -3.47
N ASP A 114 -11.47 20.95 -2.65
CA ASP A 114 -10.90 22.30 -2.49
C ASP A 114 -9.44 22.14 -2.10
N TYR A 115 -9.22 21.31 -1.08
CA TYR A 115 -7.89 21.03 -0.53
C TYR A 115 -6.90 20.60 -1.60
N PHE A 116 -7.23 19.51 -2.30
CA PHE A 116 -6.38 18.97 -3.36
C PHE A 116 -6.02 20.05 -4.35
N ALA A 117 -7.05 20.59 -5.00
CA ALA A 117 -6.91 21.64 -6.02
C ALA A 117 -5.77 22.62 -5.72
N ASN A 118 -6.05 23.58 -4.82
CA ASN A 118 -5.05 24.55 -4.45
C ASN A 118 -3.99 23.89 -3.58
N LYS A 124 0.92 13.91 -0.32
CA LYS A 124 1.01 12.45 -0.36
C LYS A 124 -0.18 11.69 0.27
N VAL A 125 -1.19 11.36 -0.54
CA VAL A 125 -2.35 10.61 -0.08
C VAL A 125 -1.92 9.20 0.30
N LEU A 126 -2.48 8.66 1.38
CA LEU A 126 -2.13 7.31 1.80
C LEU A 126 -3.28 6.34 1.64
N LEU A 127 -4.49 6.83 1.89
CA LEU A 127 -5.69 6.01 1.77
C LEU A 127 -6.89 6.82 1.34
N ASP A 128 -7.64 6.23 0.43
CA ASP A 128 -8.88 6.82 -0.10
C ASP A 128 -9.88 5.68 -0.10
N LYS A 129 -10.96 5.84 0.66
CA LYS A 129 -11.94 4.78 0.75
C LYS A 129 -13.06 4.88 -0.26
N ASP A 130 -13.23 6.07 -0.81
CA ASP A 130 -14.28 6.30 -1.79
C ASP A 130 -13.81 6.51 -3.21
N SER A 131 -12.64 7.12 -3.37
CA SER A 131 -12.07 7.36 -4.69
C SER A 131 -13.01 8.24 -5.55
N PHE A 132 -13.67 9.20 -4.93
CA PHE A 132 -14.57 10.08 -5.69
C PHE A 132 -13.75 11.02 -6.56
N ILE A 133 -12.68 11.54 -5.98
CA ILE A 133 -11.79 12.48 -6.66
C ILE A 133 -10.65 11.80 -7.39
N ASN A 134 -10.09 12.53 -8.35
CA ASN A 134 -8.93 12.08 -9.14
C ASN A 134 -7.79 13.04 -8.78
N TYR A 135 -6.54 12.54 -8.75
CA TYR A 135 -5.40 13.39 -8.37
C TYR A 135 -3.96 12.92 -8.62
N LYS A 136 -3.05 13.63 -7.93
CA LYS A 136 -1.59 13.48 -7.96
C LYS A 136 -0.89 12.13 -8.17
N VAL A 137 0.45 12.24 -8.19
CA VAL A 137 1.41 11.16 -8.40
C VAL A 137 2.43 11.25 -7.27
N ASN A 140 7.14 10.79 -7.97
CA ASN A 140 7.76 9.48 -8.21
C ASN A 140 7.06 8.41 -7.37
N ASP A 141 5.98 8.83 -6.73
CA ASP A 141 5.19 7.94 -5.88
C ASP A 141 4.14 7.09 -6.60
N ARG A 142 3.85 7.39 -7.87
CA ARG A 142 2.86 6.60 -8.59
C ARG A 142 3.31 5.13 -8.61
N GLN A 143 4.60 4.92 -8.31
CA GLN A 143 5.19 3.60 -8.25
C GLN A 143 4.48 2.74 -7.22
N TYR A 144 4.10 3.37 -6.11
CA TYR A 144 3.44 2.69 -5.01
C TYR A 144 1.93 2.84 -4.98
N TRP A 145 1.38 3.67 -5.87
CA TRP A 145 -0.06 3.90 -5.86
C TRP A 145 -0.88 2.71 -6.36
N ILE A 146 -1.89 2.33 -5.59
CA ILE A 146 -2.76 1.22 -5.94
C ILE A 146 -4.22 1.67 -6.01
N LYS A 147 -4.92 1.24 -7.06
CA LYS A 147 -6.34 1.54 -7.28
C LYS A 147 -6.81 0.57 -8.36
N ARG A 148 -8.13 0.43 -8.53
CA ARG A 148 -8.68 -0.51 -9.52
C ARG A 148 -7.96 -0.37 -10.86
N PRO A 149 -7.37 -1.46 -11.35
CA PRO A 149 -6.67 -1.34 -12.63
C PRO A 149 -7.63 -1.25 -13.80
N THR A 150 -7.16 -0.63 -14.88
CA THR A 150 -7.94 -0.55 -16.09
C THR A 150 -7.47 -1.82 -16.81
N ALA A 151 -8.18 -2.22 -17.86
CA ALA A 151 -7.81 -3.43 -18.60
C ALA A 151 -6.35 -3.37 -19.04
N ARG A 152 -5.94 -2.18 -19.46
CA ARG A 152 -4.59 -1.96 -19.91
C ARG A 152 -3.55 -2.03 -18.79
N GLU A 153 -3.83 -1.36 -17.67
CA GLU A 153 -2.89 -1.39 -16.57
C GLU A 153 -2.74 -2.83 -16.12
N PHE A 154 -3.85 -3.56 -16.14
CA PHE A 154 -3.83 -4.95 -15.72
C PHE A 154 -2.87 -5.74 -16.61
N ASP A 155 -3.09 -5.63 -17.92
CA ASP A 155 -2.26 -6.29 -18.89
C ASP A 155 -0.80 -5.89 -18.71
N ASP A 156 -0.56 -4.62 -18.40
CA ASP A 156 0.80 -4.16 -18.20
C ASP A 156 1.48 -4.90 -17.03
N CYS A 157 0.80 -5.03 -15.91
CA CYS A 157 1.40 -5.73 -14.77
C CYS A 157 1.78 -7.15 -15.10
N CYS A 158 0.95 -7.82 -15.90
CA CYS A 158 1.23 -9.21 -16.27
C CYS A 158 2.38 -9.25 -17.28
N ASN A 159 2.40 -8.28 -18.19
CA ASN A 159 3.44 -8.22 -19.20
C ASN A 159 4.79 -8.09 -18.53
N GLU A 160 4.91 -7.10 -17.66
CA GLU A 160 6.16 -6.85 -16.93
C GLU A 160 6.57 -8.03 -16.08
N PHE A 161 5.60 -8.57 -15.34
CA PHE A 161 5.85 -9.71 -14.47
C PHE A 161 6.52 -10.85 -15.22
N TRP A 162 5.83 -11.38 -16.21
CA TRP A 162 6.36 -12.50 -16.96
C TRP A 162 7.59 -12.18 -17.79
N VAL A 164 10.09 -9.76 -17.26
CA VAL A 164 11.27 -9.62 -16.43
C VAL A 164 11.56 -10.96 -15.79
N SER A 165 10.51 -11.76 -15.67
CA SER A 165 10.63 -13.08 -15.08
C SER A 165 11.63 -13.94 -15.85
N THR A 166 11.68 -13.77 -17.18
CA THR A 166 12.60 -14.54 -18.02
C THR A 166 14.05 -14.16 -17.76
N TYR A 167 14.25 -12.94 -17.25
CA TYR A 167 15.59 -12.48 -16.94
C TYR A 167 16.10 -13.30 -15.77
N VAL A 168 15.20 -13.65 -14.86
CA VAL A 168 15.56 -14.44 -13.68
C VAL A 168 15.88 -15.88 -14.11
N VAL A 169 15.17 -16.35 -15.12
CA VAL A 169 15.40 -17.69 -15.62
C VAL A 169 16.80 -17.75 -16.25
N LYS A 170 17.06 -16.84 -17.18
CA LYS A 170 18.35 -16.75 -17.88
C LYS A 170 19.47 -16.55 -16.89
N GLY A 171 19.19 -15.82 -15.81
CA GLY A 171 20.19 -15.58 -14.79
C GLY A 171 20.61 -16.87 -14.10
N LEU A 172 19.64 -17.69 -13.74
CA LEU A 172 19.91 -18.95 -13.06
C LEU A 172 20.48 -20.02 -13.99
N ALA A 173 20.16 -19.93 -15.28
CA ALA A 173 20.65 -20.90 -16.26
C ALA A 173 22.07 -20.58 -16.69
N ARG A 174 22.43 -19.30 -16.60
CA ARG A 174 23.75 -18.80 -17.00
C ARG A 174 24.68 -18.53 -15.83
N ASN A 175 24.36 -19.04 -14.65
CA ASN A 175 25.20 -18.83 -13.47
C ASN A 175 25.43 -17.40 -13.03
N GLU A 176 24.38 -16.60 -13.11
CA GLU A 176 24.42 -15.20 -12.72
C GLU A 176 23.37 -15.04 -11.65
N ILE A 177 23.48 -15.84 -10.59
CA ILE A 177 22.48 -15.81 -9.53
C ILE A 177 22.23 -14.42 -8.97
N LEU A 178 23.26 -13.56 -8.95
CA LEU A 178 23.07 -12.19 -8.45
C LEU A 178 22.21 -11.39 -9.42
N PHE A 179 22.37 -11.67 -10.70
CA PHE A 179 21.59 -10.98 -11.74
C PHE A 179 20.13 -11.40 -11.54
N ALA A 180 19.95 -12.70 -11.33
CA ALA A 180 18.61 -13.25 -11.12
C ALA A 180 17.95 -12.66 -9.88
N ILE A 181 18.70 -12.61 -8.78
CA ILE A 181 18.20 -12.09 -7.51
C ILE A 181 17.76 -10.63 -7.57
N ASP A 182 18.52 -9.80 -8.26
CA ASP A 182 18.17 -8.39 -8.33
C ASP A 182 16.85 -8.18 -9.08
N HIS A 183 16.62 -8.96 -10.13
CA HIS A 183 15.39 -8.82 -10.89
C HIS A 183 14.20 -9.40 -10.12
N LEU A 184 14.46 -10.47 -9.37
CA LEU A 184 13.41 -11.06 -8.58
C LEU A 184 12.97 -10.07 -7.50
N ASN A 185 13.95 -9.59 -6.74
CA ASN A 185 13.68 -8.67 -5.66
C ASN A 185 13.15 -7.33 -6.13
N GLU A 186 13.68 -6.83 -7.24
CA GLU A 186 13.29 -5.51 -7.69
C GLU A 186 12.14 -5.38 -8.64
N ILE A 187 11.78 -6.44 -9.35
CA ILE A 187 10.68 -6.33 -10.30
C ILE A 187 9.62 -7.41 -10.23
N VAL A 188 10.03 -8.66 -10.31
CA VAL A 188 9.08 -9.76 -10.29
C VAL A 188 8.19 -9.77 -9.07
N ARG A 189 8.77 -9.94 -7.87
CA ARG A 189 7.99 -9.95 -6.64
C ARG A 189 7.22 -8.65 -6.44
N PRO A 190 7.82 -7.49 -6.76
CA PRO A 190 7.04 -6.26 -6.56
C PRO A 190 5.77 -6.21 -7.41
N ASN A 191 5.77 -6.88 -8.56
CA ASN A 191 4.57 -6.87 -9.39
C ASN A 191 3.55 -7.87 -8.85
N LEU A 192 4.03 -8.95 -8.24
CA LEU A 192 3.14 -9.92 -7.63
C LEU A 192 2.37 -9.17 -6.53
N LEU A 193 3.09 -8.32 -5.80
CA LEU A 193 2.51 -7.51 -4.74
C LEU A 193 1.46 -6.55 -5.24
N ARG A 194 1.71 -5.92 -6.39
CA ARG A 194 0.76 -4.98 -6.98
C ARG A 194 -0.49 -5.76 -7.32
N ALA A 197 -2.29 -6.40 -4.30
CA ALA A 197 -2.89 -5.18 -3.80
C ALA A 197 -4.15 -4.86 -4.61
N TRP A 198 -4.08 -5.08 -5.93
CA TRP A 198 -5.23 -4.82 -6.79
C TRP A 198 -6.39 -5.74 -6.41
N HIS A 199 -6.05 -6.93 -5.93
CA HIS A 199 -7.07 -7.87 -5.50
C HIS A 199 -7.73 -7.32 -4.22
N ILE A 200 -6.93 -6.84 -3.28
CA ILE A 200 -7.43 -6.31 -2.00
C ILE A 200 -8.31 -5.10 -2.35
N ALA A 201 -7.80 -4.28 -3.27
CA ALA A 201 -8.55 -3.10 -3.73
C ALA A 201 -9.90 -3.46 -4.37
N SER A 202 -9.98 -4.68 -4.89
CA SER A 202 -11.20 -5.17 -5.51
C SER A 202 -12.21 -5.41 -4.42
N GLN A 203 -11.80 -6.06 -3.33
CA GLN A 203 -12.72 -6.35 -2.23
C GLN A 203 -13.39 -5.07 -1.73
N LYS A 204 -12.57 -4.21 -1.12
CA LYS A 204 -13.00 -2.96 -0.52
C LYS A 204 -13.38 -1.83 -1.47
N GLY A 205 -12.58 -1.63 -2.51
CA GLY A 205 -12.86 -0.55 -3.44
C GLY A 205 -12.09 0.69 -3.02
N TYR A 206 -11.04 0.52 -2.21
CA TYR A 206 -10.24 1.65 -1.76
C TYR A 206 -9.03 1.84 -2.66
N SER A 207 -8.36 2.98 -2.50
CA SER A 207 -7.14 3.29 -3.24
C SER A 207 -6.15 3.58 -2.12
N PHE A 208 -4.90 3.18 -2.28
CA PHE A 208 -3.93 3.43 -1.23
C PHE A 208 -2.50 3.30 -1.71
N SER A 209 -1.56 3.57 -0.82
CA SER A 209 -0.17 3.46 -1.17
C SER A 209 0.43 2.26 -0.46
N GLY A 211 3.54 2.34 0.20
CA GLY A 211 4.57 2.99 0.98
C GLY A 211 5.96 2.76 0.46
N LYS A 212 6.90 3.61 0.85
CA LYS A 212 8.30 3.50 0.44
C LYS A 212 8.74 2.06 0.72
N ASN A 213 9.06 1.32 -0.34
CA ASN A 213 9.47 -0.08 -0.25
C ASN A 213 8.40 -1.01 0.30
N TYR A 214 7.16 -0.78 -0.15
CA TYR A 214 6.02 -1.62 0.21
C TYR A 214 5.84 -1.84 1.72
N LYS A 215 6.27 -0.87 2.51
CA LYS A 215 6.19 -0.96 3.98
C LYS A 215 4.78 -1.10 4.58
N PHE A 216 3.76 -0.74 3.81
CA PHE A 216 2.38 -0.82 4.31
C PHE A 216 1.61 -2.09 3.94
N LYS A 218 1.86 -5.24 4.87
CA LYS A 218 1.51 -6.16 5.94
C LYS A 218 0.20 -5.69 6.54
N ARG A 219 -0.04 -4.40 6.39
CA ARG A 219 -1.26 -3.78 6.91
C ARG A 219 -2.41 -3.84 5.92
N TYR A 220 -2.34 -4.74 4.97
CA TYR A 220 -3.40 -4.87 3.99
C TYR A 220 -3.68 -6.32 3.72
N LEU A 221 -2.63 -7.12 3.74
CA LEU A 221 -2.73 -8.56 3.50
C LEU A 221 -3.15 -9.26 4.78
N SER A 222 -3.90 -10.33 4.63
CA SER A 222 -4.32 -11.12 5.76
C SER A 222 -3.07 -11.90 6.15
N ASN A 223 -3.17 -12.71 7.20
CA ASN A 223 -2.00 -13.47 7.62
C ASN A 223 -1.66 -14.56 6.60
N LYS A 224 -2.69 -15.11 5.97
CA LYS A 224 -2.49 -16.13 4.98
C LYS A 224 -1.71 -15.54 3.81
N GLU A 225 -2.15 -14.36 3.35
CA GLU A 225 -1.52 -13.69 2.23
C GLU A 225 -0.10 -13.26 2.53
N TRP A 226 0.19 -12.96 3.79
CA TRP A 226 1.55 -12.56 4.15
C TRP A 226 2.44 -13.77 4.20
N GLU A 227 1.86 -14.90 4.57
CA GLU A 227 2.64 -16.12 4.64
C GLU A 227 2.98 -16.55 3.22
N GLU A 228 2.04 -16.34 2.28
CA GLU A 228 2.28 -16.71 0.90
C GLU A 228 3.39 -15.84 0.35
N LEU A 229 3.34 -14.55 0.68
CA LEU A 229 4.36 -13.65 0.20
C LEU A 229 5.67 -14.02 0.86
N SER A 231 6.57 -16.90 1.71
CA SER A 231 7.06 -18.11 1.08
C SER A 231 7.80 -17.85 -0.23
N THR A 232 7.75 -16.62 -0.72
CA THR A 232 8.46 -16.31 -1.97
C THR A 232 9.91 -15.98 -1.64
N TYR A 233 10.25 -16.00 -0.36
CA TYR A 233 11.60 -15.73 0.06
C TYR A 233 12.19 -17.07 0.43
N SER A 234 13.40 -17.35 -0.02
CA SER A 234 14.03 -18.62 0.34
C SER A 234 15.53 -18.38 0.47
N VAL A 235 16.17 -19.17 1.33
CA VAL A 235 17.62 -19.09 1.57
C VAL A 235 18.44 -19.11 0.26
N ASN A 236 19.71 -18.71 0.34
CA ASN A 236 20.60 -18.65 -0.83
C ASN A 236 20.79 -20.02 -1.48
N GLY A 237 21.04 -20.00 -2.79
CA GLY A 237 21.25 -21.21 -3.54
C GLY A 237 20.52 -21.16 -4.87
N TYR A 238 21.13 -21.76 -5.89
CA TYR A 238 20.53 -21.76 -7.21
C TYR A 238 19.17 -22.44 -7.25
N GLN A 239 19.06 -23.58 -6.58
CA GLN A 239 17.78 -24.30 -6.57
C GLN A 239 16.75 -23.58 -5.74
N GLU A 240 17.19 -22.92 -4.68
CA GLU A 240 16.29 -22.17 -3.80
C GLU A 240 15.69 -21.02 -4.57
N TRP A 242 15.13 -21.00 -7.91
CA TRP A 242 14.14 -21.52 -8.84
C TRP A 242 12.84 -21.66 -8.09
N LYS A 243 12.95 -22.12 -6.83
CA LYS A 243 11.79 -22.32 -5.97
C LYS A 243 11.09 -20.98 -5.72
N SER A 244 11.84 -19.97 -5.31
CA SER A 244 11.27 -18.66 -5.07
C SER A 244 10.52 -18.16 -6.30
N LEU A 245 11.15 -18.31 -7.47
CA LEU A 245 10.55 -17.88 -8.73
C LEU A 245 9.28 -18.61 -9.09
N PHE A 246 9.33 -19.94 -8.99
CA PHE A 246 8.13 -20.70 -9.30
C PHE A 246 7.03 -20.38 -8.32
N THR A 247 7.41 -20.05 -7.08
CA THR A 247 6.42 -19.70 -6.06
C THR A 247 5.72 -18.40 -6.49
N CYS A 248 6.47 -17.44 -6.99
CA CYS A 248 5.90 -16.18 -7.49
C CYS A 248 4.96 -16.52 -8.65
N TYR A 249 5.35 -17.49 -9.47
CA TYR A 249 4.53 -17.92 -10.61
C TYR A 249 3.16 -18.36 -10.12
N ALA A 250 3.20 -19.33 -9.20
CA ALA A 250 1.99 -19.89 -8.62
C ALA A 250 1.08 -18.82 -8.05
N LEU A 251 1.66 -17.89 -7.29
CA LEU A 251 0.89 -16.82 -6.70
C LEU A 251 0.40 -15.79 -7.69
N PHE A 252 1.17 -15.55 -8.75
CA PHE A 252 0.76 -14.55 -9.72
C PHE A 252 -0.41 -15.02 -10.53
N ARG A 253 -0.45 -16.32 -10.82
CA ARG A 253 -1.55 -16.88 -11.58
C ARG A 253 -2.79 -16.67 -10.75
N LYS A 254 -2.70 -17.14 -9.51
CA LYS A 254 -3.78 -17.04 -8.55
C LYS A 254 -4.42 -15.65 -8.52
N TYR A 255 -3.63 -14.63 -8.21
CA TYR A 255 -4.18 -13.28 -8.11
C TYR A 255 -4.54 -12.57 -9.39
N SER A 256 -3.82 -12.85 -10.48
CA SER A 256 -4.14 -12.21 -11.75
C SER A 256 -5.41 -12.86 -12.28
N LYS A 257 -5.58 -14.16 -12.00
CA LYS A 257 -6.79 -14.87 -12.42
C LYS A 257 -7.96 -14.30 -11.62
N ALA A 258 -7.74 -14.13 -10.32
CA ALA A 258 -8.75 -13.58 -9.43
C ALA A 258 -9.18 -12.18 -9.83
N VAL A 259 -8.21 -11.33 -10.15
CA VAL A 259 -8.48 -9.95 -10.55
C VAL A 259 -9.11 -9.87 -11.93
N SER A 260 -8.53 -10.57 -12.89
CA SER A 260 -9.02 -10.56 -14.26
C SER A 260 -10.45 -11.02 -14.28
N GLU A 261 -10.73 -12.02 -13.45
CA GLU A 261 -12.06 -12.58 -13.38
C GLU A 261 -13.06 -11.58 -12.79
N GLY A 262 -12.68 -10.92 -11.70
CA GLY A 262 -13.56 -9.97 -11.06
C GLY A 262 -13.87 -8.71 -11.86
N LEU A 263 -12.96 -8.30 -12.73
CA LEU A 263 -13.18 -7.08 -13.51
C LEU A 263 -13.57 -7.40 -14.94
N ALA A 264 -13.56 -8.68 -15.26
CA ALA A 264 -13.93 -9.14 -16.59
C ALA A 264 -12.90 -8.68 -17.62
N TYR A 265 -11.62 -8.77 -17.27
CA TYR A 265 -10.57 -8.40 -18.19
C TYR A 265 -10.02 -9.68 -18.80
N LYS A 266 -9.46 -9.60 -20.01
CA LYS A 266 -8.90 -10.78 -20.65
C LYS A 266 -7.66 -11.28 -19.90
N TYR A 267 -7.64 -12.58 -19.61
CA TYR A 267 -6.47 -13.16 -18.94
C TYR A 267 -5.41 -13.26 -20.05
N PRO A 268 -4.22 -12.70 -19.81
CA PRO A 268 -3.18 -12.78 -20.84
C PRO A 268 -2.68 -14.17 -21.12
N ASP A 269 -1.85 -14.30 -22.15
CA ASP A 269 -1.28 -15.59 -22.51
C ASP A 269 0.18 -15.64 -22.09
N TYR A 270 0.63 -14.59 -21.41
CA TYR A 270 2.00 -14.53 -20.95
C TYR A 270 2.30 -15.69 -20.01
N ASP A 271 1.35 -16.03 -19.16
CA ASP A 271 1.49 -17.13 -18.19
C ASP A 271 1.89 -18.39 -18.94
N GLU A 272 0.96 -18.86 -19.77
CA GLU A 272 1.15 -20.04 -20.57
C GLU A 272 2.41 -20.03 -21.43
N GLY A 273 2.62 -18.93 -22.15
CA GLY A 273 3.78 -18.83 -23.01
C GLY A 273 5.08 -18.96 -22.26
N ILE A 274 5.20 -18.25 -21.13
CA ILE A 274 6.42 -18.28 -20.34
C ILE A 274 6.57 -19.51 -19.48
N THR A 275 5.45 -20.11 -19.11
CA THR A 275 5.50 -21.33 -18.34
C THR A 275 6.17 -22.39 -19.26
N LYS A 276 5.72 -22.52 -20.50
CA LYS A 276 6.33 -23.49 -21.42
C LYS A 276 7.82 -23.19 -21.52
N TYR A 277 8.10 -21.91 -21.72
CA TYR A 277 9.46 -21.45 -21.86
C TYR A 277 10.39 -21.79 -20.69
N THR A 278 10.15 -21.22 -19.51
CA THR A 278 11.04 -21.53 -18.39
C THR A 278 11.04 -23.02 -18.03
N GLU A 279 9.99 -23.73 -18.42
CA GLU A 279 9.92 -25.16 -18.15
C GLU A 279 10.93 -25.81 -19.08
N GLY A 280 10.99 -25.31 -20.32
CA GLY A 280 11.92 -25.86 -21.30
C GLY A 280 13.35 -25.79 -20.84
N ILE A 281 13.69 -24.66 -20.25
CA ILE A 281 15.05 -24.42 -19.76
C ILE A 281 15.36 -25.10 -18.41
N TYR A 282 14.38 -25.12 -17.52
CA TYR A 282 14.52 -25.74 -16.21
C TYR A 282 14.85 -27.23 -16.30
N CYS A 283 14.16 -27.93 -17.19
CA CYS A 283 14.38 -29.36 -17.38
C CYS A 283 15.65 -29.60 -18.19
N SER A 284 15.52 -29.59 -19.51
CA SER A 284 16.68 -29.82 -20.37
C SER A 284 17.73 -28.73 -20.20
#